data_7FNO
#
_entry.id   7FNO
#
_cell.length_a   88.806
_cell.length_b   82.126
_cell.length_c   94.061
_cell.angle_alpha   90
_cell.angle_beta   108.71
_cell.angle_gamma   90
#
_symmetry.space_group_name_H-M   'C 1 2 1'
#
loop_
_entity.id
_entity.type
_entity.pdbx_description
1 polymer 'Pre-mRNA-splicing factor 8'
2 polymer 'A1 cistron-splicing factor AAR2'
3 non-polymer '4-(4-fluorophenyl)-4-oxobutanoic acid'
4 water water
#
loop_
_entity_poly.entity_id
_entity_poly.type
_entity_poly.pdbx_seq_one_letter_code
_entity_poly.pdbx_strand_id
1 'polypeptide(L)'
;GAMNSSNYAELFNNDIKLFVDDTNVYRVTVHKTFEGNVATKAINGCIFTLNPKTGHLFLKIIHTSVWAGQKRLSQLAKWK
TAEEVSALVRSLPKEEQPKQIIVTRKAMLDPLEVHMLDFPNIAIRPTELRLPFSAAMSIDKLSDVVMKATEPQMVLFNIY
DDWLDRISSYTAFSRLTLLLRALKTNEESAKMILLSDPTITIKSYHLWPSFTDEQWITIESQMRDLILTEYGRKYNVNIS
ALTQTEIKDIILGQNIKA
;
A
2 'polypeptide(L)'
;GAMAMNTVPFTSAPIEVTIGIDQYSFNVKENQPFHGIKDIPIGHVHVIHFQHADNSSMRYGYWFDCRMGNFYIQYDPKDG
LYKMMEERDGAKFENIVHNFKERQMMVSYPKIDEDDTWYNLTEFVQMDKIRKIVRKDENQFSYVDSSMTTVQENELSSSS
SDPAHSLNYTVINFKSREAIRPGHEMEDFLDKSYYLNTVMLQGIFKNSSNYFGELQFAFLNAMFFGNYGSSLQWHAMIEL
ICSSATVPKHMLDKLDEILYYQIKTLPEQYSDILLNERVWNICLYSSFQKNSLHNTEKIMENKYPELL
;
B
#
loop_
_chem_comp.id
_chem_comp.type
_chem_comp.name
_chem_comp.formula
VP3 non-polymer '4-(4-fluorophenyl)-4-oxobutanoic acid' 'C10 H9 F O3'
#
# COMPACT_ATOMS: atom_id res chain seq x y z
N GLY A 1 -8.11 10.83 -6.82
CA GLY A 1 -8.36 11.41 -5.50
C GLY A 1 -9.85 11.49 -5.18
N ALA A 2 -10.21 12.25 -4.16
CA ALA A 2 -11.58 12.27 -3.66
C ALA A 2 -12.43 13.29 -4.40
N MET A 3 -13.74 13.01 -4.44
CA MET A 3 -14.73 13.85 -5.10
C MET A 3 -15.53 14.58 -4.02
N ASN A 4 -15.75 15.88 -4.20
CA ASN A 4 -16.37 16.68 -3.14
C ASN A 4 -17.16 17.83 -3.76
N SER A 5 -17.40 18.89 -2.96
CA SER A 5 -18.26 20.01 -3.36
C SER A 5 -17.57 20.99 -4.29
N SER A 6 -16.24 21.08 -4.26
CA SER A 6 -15.56 22.00 -5.15
C SER A 6 -15.57 21.49 -6.59
N ASN A 7 -15.52 20.17 -6.77
CA ASN A 7 -15.56 19.57 -8.09
C ASN A 7 -16.85 18.79 -8.32
N TYR A 8 -18.00 19.40 -7.96
CA TYR A 8 -19.30 18.74 -8.06
C TYR A 8 -19.84 18.75 -9.49
N ALA A 9 -19.58 19.84 -10.23
CA ALA A 9 -19.92 19.93 -11.64
C ALA A 9 -19.25 18.84 -12.47
N GLU A 10 -18.16 18.25 -11.97
CA GLU A 10 -17.45 17.24 -12.75
C GLU A 10 -18.32 15.99 -12.95
N LEU A 11 -19.27 15.76 -12.07
CA LEU A 11 -20.18 14.64 -12.20
C LEU A 11 -21.00 14.71 -13.47
N PHE A 12 -21.19 15.90 -14.02
CA PHE A 12 -22.09 16.10 -15.16
C PHE A 12 -21.36 16.50 -16.44
N ASN A 13 -20.04 16.31 -16.49
CA ASN A 13 -19.30 16.60 -17.72
C ASN A 13 -19.39 15.35 -18.60
N ASN A 14 -18.62 15.30 -19.69
CA ASN A 14 -18.79 14.24 -20.67
C ASN A 14 -17.84 13.06 -20.47
N ASP A 15 -17.10 13.00 -19.37
CA ASP A 15 -16.30 11.82 -19.03
C ASP A 15 -17.21 10.77 -18.39
N ILE A 16 -17.28 9.58 -18.98
CA ILE A 16 -18.18 8.55 -18.42
C ILE A 16 -17.72 8.20 -17.02
N LYS A 17 -18.65 8.27 -16.07
CA LYS A 17 -18.31 7.88 -14.70
C LYS A 17 -19.47 7.12 -14.08
N LEU A 18 -19.13 6.37 -13.04
CA LEU A 18 -20.11 5.53 -12.33
C LEU A 18 -19.92 5.66 -10.82
N PHE A 19 -20.98 5.97 -10.10
CA PHE A 19 -21.01 5.78 -8.65
C PHE A 19 -21.28 4.32 -8.31
N VAL A 20 -20.53 3.78 -7.33
CA VAL A 20 -20.81 2.46 -6.80
C VAL A 20 -21.09 2.55 -5.32
N ASP A 21 -22.24 2.02 -4.89
CA ASP A 21 -22.60 1.92 -3.47
C ASP A 21 -22.84 0.46 -3.11
N ASP A 22 -22.13 -0.02 -2.09
CA ASP A 22 -22.21 -1.39 -1.64
C ASP A 22 -23.03 -1.57 -0.36
N THR A 23 -23.70 -0.51 0.10
N THR A 23 -23.75 -0.55 0.10
CA THR A 23 -24.44 -0.54 1.36
CA THR A 23 -24.38 -0.63 1.42
C THR A 23 -25.38 -1.74 1.40
C THR A 23 -25.56 -1.58 1.47
N ASN A 24 -26.19 -1.92 0.35
CA ASN A 24 -27.24 -2.95 0.36
C ASN A 24 -26.84 -4.29 -0.23
N VAL A 25 -25.54 -4.54 -0.37
CA VAL A 25 -25.09 -5.83 -0.89
C VAL A 25 -25.35 -6.98 0.09
N TYR A 26 -24.88 -6.83 1.34
CA TYR A 26 -25.03 -7.85 2.37
C TYR A 26 -26.06 -7.33 3.37
N ARG A 27 -27.21 -7.99 3.42
CA ARG A 27 -28.35 -7.56 4.23
C ARG A 27 -28.80 -8.73 5.07
N VAL A 28 -29.07 -8.45 6.36
CA VAL A 28 -29.39 -9.51 7.30
C VAL A 28 -30.52 -9.06 8.23
N THR A 29 -31.24 -10.04 8.72
CA THR A 29 -32.12 -9.88 9.87
C THR A 29 -31.48 -10.60 11.06
N VAL A 30 -31.42 -9.90 12.20
CA VAL A 30 -30.86 -10.42 13.44
C VAL A 30 -32.00 -10.89 14.33
N HIS A 31 -31.93 -12.12 14.82
CA HIS A 31 -33.02 -12.70 15.59
C HIS A 31 -32.49 -13.64 16.66
N LYS A 32 -33.33 -13.92 17.67
CA LYS A 32 -32.98 -14.84 18.75
C LYS A 32 -33.24 -16.31 18.38
N THR A 33 -32.31 -17.20 18.76
CA THR A 33 -32.42 -18.64 18.57
C THR A 33 -33.15 -19.29 19.74
N PHE A 34 -33.56 -20.54 19.52
CA PHE A 34 -34.30 -21.24 20.57
C PHE A 34 -33.49 -21.31 21.85
N GLU A 35 -32.19 -21.47 21.72
CA GLU A 35 -31.31 -21.53 22.88
C GLU A 35 -31.00 -20.15 23.45
N GLY A 36 -31.62 -19.10 22.93
CA GLY A 36 -31.41 -17.77 23.45
C GLY A 36 -30.16 -17.07 22.97
N ASN A 37 -29.55 -17.54 21.89
CA ASN A 37 -28.45 -16.81 21.27
C ASN A 37 -29.04 -15.88 20.22
N VAL A 38 -28.20 -15.25 19.43
CA VAL A 38 -28.65 -14.41 18.33
C VAL A 38 -28.10 -15.02 17.05
N ALA A 39 -28.89 -14.95 15.99
CA ALA A 39 -28.52 -15.52 14.70
C ALA A 39 -28.91 -14.53 13.62
N THR A 40 -28.16 -14.50 12.52
CA THR A 40 -28.53 -13.66 11.39
C THR A 40 -29.12 -14.55 10.30
N LYS A 41 -29.95 -13.95 9.47
CA LYS A 41 -30.42 -14.61 8.24
C LYS A 41 -30.24 -13.61 7.12
N ALA A 42 -29.48 -13.97 6.11
CA ALA A 42 -29.31 -13.03 4.99
C ALA A 42 -30.59 -12.97 4.18
N ILE A 43 -30.83 -11.82 3.60
CA ILE A 43 -31.86 -11.62 2.59
C ILE A 43 -31.16 -11.09 1.35
N ASN A 44 -31.86 -11.14 0.23
CA ASN A 44 -31.31 -10.64 -1.02
C ASN A 44 -30.84 -9.19 -0.93
N GLY A 45 -29.76 -8.91 -1.64
CA GLY A 45 -29.18 -7.57 -1.70
C GLY A 45 -29.03 -7.05 -3.12
N CYS A 46 -28.29 -5.97 -3.25
CA CYS A 46 -28.08 -5.34 -4.55
C CYS A 46 -26.87 -4.44 -4.51
N ILE A 47 -26.17 -4.37 -5.63
CA ILE A 47 -25.17 -3.35 -5.90
C ILE A 47 -25.84 -2.22 -6.64
N PHE A 48 -25.56 -1.00 -6.23
CA PHE A 48 -26.15 0.20 -6.80
C PHE A 48 -25.04 0.89 -7.58
N THR A 49 -25.05 0.71 -8.90
CA THR A 49 -24.06 1.30 -9.81
C THR A 49 -24.80 2.27 -10.73
N LEU A 50 -24.46 3.57 -10.62
CA LEU A 50 -25.20 4.65 -11.28
C LEU A 50 -24.30 5.52 -12.12
N ASN A 51 -24.59 5.68 -13.41
CA ASN A 51 -23.90 6.70 -14.22
C ASN A 51 -24.74 7.93 -13.92
N PRO A 52 -24.25 9.14 -13.16
CA PRO A 52 -25.02 10.36 -12.76
C PRO A 52 -25.43 11.25 -13.91
N LYS A 53 -24.76 11.17 -15.06
CA LYS A 53 -25.07 12.00 -16.21
C LYS A 53 -26.30 11.49 -16.93
N THR A 54 -26.37 10.19 -17.14
CA THR A 54 -27.45 9.55 -17.93
C THR A 54 -28.60 9.02 -17.09
N GLY A 55 -28.39 8.70 -15.81
CA GLY A 55 -29.44 8.12 -14.98
C GLY A 55 -29.46 6.60 -15.07
N HIS A 56 -28.56 5.99 -15.83
CA HIS A 56 -28.53 4.53 -16.03
C HIS A 56 -28.18 3.85 -14.71
N LEU A 57 -29.05 2.99 -14.18
CA LEU A 57 -28.79 2.28 -12.92
C LEU A 57 -28.58 0.80 -13.27
N PHE A 58 -27.37 0.28 -13.05
CA PHE A 58 -27.03 -1.14 -13.26
C PHE A 58 -27.26 -1.82 -11.91
N LEU A 59 -28.46 -2.31 -11.65
CA LEU A 59 -28.77 -2.93 -10.34
C LEU A 59 -28.43 -4.43 -10.35
N LYS A 60 -27.26 -4.79 -9.83
CA LYS A 60 -26.93 -6.20 -9.70
C LYS A 60 -27.55 -6.75 -8.43
N ILE A 61 -28.47 -7.68 -8.60
CA ILE A 61 -29.12 -8.32 -7.47
C ILE A 61 -28.19 -9.41 -6.92
N ILE A 62 -27.98 -9.33 -5.61
CA ILE A 62 -27.12 -10.26 -4.87
C ILE A 62 -28.05 -11.25 -4.18
N HIS A 63 -28.14 -12.45 -4.71
CA HIS A 63 -29.00 -13.47 -4.14
C HIS A 63 -28.31 -14.06 -2.92
N THR A 64 -29.09 -14.43 -1.89
CA THR A 64 -28.53 -15.05 -0.69
C THR A 64 -27.63 -16.27 -0.92
N SER A 65 -27.82 -17.07 -2.02
CA SER A 65 -26.98 -18.22 -2.25
C SER A 65 -25.49 -17.89 -2.34
N VAL A 66 -25.14 -16.65 -2.70
N VAL A 66 -25.17 -16.65 -2.76
CA VAL A 66 -23.73 -16.31 -2.84
CA VAL A 66 -23.79 -16.16 -2.80
C VAL A 66 -23.01 -16.29 -1.48
C VAL A 66 -23.09 -16.46 -1.49
N TRP A 67 -23.74 -16.11 -0.39
CA TRP A 67 -23.14 -16.21 0.95
C TRP A 67 -23.06 -17.64 1.51
N ALA A 68 -23.63 -18.65 0.85
CA ALA A 68 -23.72 -19.98 1.46
C ALA A 68 -22.35 -20.58 1.74
N GLY A 69 -22.10 -20.91 2.99
CA GLY A 69 -20.85 -21.56 3.33
C GLY A 69 -19.65 -20.63 3.34
N GLN A 70 -19.88 -19.36 3.22
CA GLN A 70 -18.79 -18.37 3.22
C GLN A 70 -18.62 -17.82 4.62
N LYS A 71 -17.40 -17.40 4.91
CA LYS A 71 -17.08 -16.73 6.17
C LYS A 71 -16.76 -15.27 5.91
N ARG A 72 -16.75 -14.50 7.01
CA ARG A 72 -16.43 -13.07 7.04
C ARG A 72 -17.20 -12.32 5.96
N LEU A 73 -18.54 -12.44 6.03
CA LEU A 73 -19.39 -11.95 4.93
C LEU A 73 -19.27 -10.44 4.71
N SER A 74 -19.15 -9.61 5.76
CA SER A 74 -19.02 -8.18 5.52
C SER A 74 -17.79 -7.87 4.67
N GLN A 75 -16.68 -8.60 4.87
CA GLN A 75 -15.49 -8.41 4.04
C GLN A 75 -15.66 -9.00 2.64
N LEU A 76 -16.22 -10.21 2.58
CA LEU A 76 -16.48 -10.81 1.29
C LEU A 76 -17.37 -9.92 0.45
N ALA A 77 -18.34 -9.27 1.06
CA ALA A 77 -19.27 -8.41 0.33
C ALA A 77 -18.56 -7.31 -0.45
N LYS A 78 -17.52 -6.71 0.13
CA LYS A 78 -16.82 -5.67 -0.63
C LYS A 78 -16.16 -6.26 -1.86
N TRP A 79 -15.50 -7.41 -1.73
CA TRP A 79 -14.79 -8.08 -2.82
C TRP A 79 -15.77 -8.61 -3.87
N LYS A 80 -16.92 -9.12 -3.42
CA LYS A 80 -17.97 -9.52 -4.37
C LYS A 80 -18.49 -8.32 -5.17
N THR A 81 -18.71 -7.18 -4.49
CA THR A 81 -19.06 -5.93 -5.20
C THR A 81 -18.01 -5.58 -6.25
N ALA A 82 -16.74 -5.60 -5.84
CA ALA A 82 -15.67 -5.26 -6.77
C ALA A 82 -15.62 -6.25 -7.93
N GLU A 83 -15.78 -7.55 -7.68
CA GLU A 83 -15.84 -8.56 -8.73
C GLU A 83 -16.96 -8.22 -9.74
N GLU A 84 -18.13 -7.90 -9.24
CA GLU A 84 -19.29 -7.60 -10.10
C GLU A 84 -19.12 -6.29 -10.90
N VAL A 85 -18.59 -5.22 -10.29
CA VAL A 85 -18.37 -3.99 -11.04
C VAL A 85 -17.35 -4.24 -12.13
N SER A 86 -16.28 -4.97 -11.82
N SER A 86 -16.30 -4.98 -11.79
CA SER A 86 -15.29 -5.23 -12.84
CA SER A 86 -15.26 -5.30 -12.77
C SER A 86 -15.87 -6.08 -13.97
C SER A 86 -15.85 -6.08 -13.93
N ALA A 87 -16.73 -7.04 -13.62
CA ALA A 87 -17.39 -7.83 -14.65
C ALA A 87 -18.29 -6.97 -15.51
N LEU A 88 -18.96 -5.99 -14.91
CA LEU A 88 -19.83 -5.02 -15.66
C LEU A 88 -19.00 -4.19 -16.64
N VAL A 89 -17.87 -3.65 -16.19
CA VAL A 89 -17.02 -2.79 -17.05
C VAL A 89 -16.49 -3.63 -18.23
N ARG A 90 -16.12 -4.89 -17.97
CA ARG A 90 -15.61 -5.83 -19.00
C ARG A 90 -16.72 -6.14 -20.02
N SER A 91 -17.98 -6.25 -19.56
CA SER A 91 -19.18 -6.55 -20.38
C SER A 91 -19.54 -5.40 -21.33
N LEU A 92 -19.21 -4.16 -21.00
CA LEU A 92 -19.58 -2.97 -21.77
C LEU A 92 -18.52 -2.89 -22.83
N PRO A 93 -18.76 -2.24 -24.17
CA PRO A 93 -17.77 -1.97 -25.19
C PRO A 93 -16.85 -0.83 -24.72
N LYS A 94 -15.63 -0.79 -25.22
CA LYS A 94 -14.61 0.22 -24.84
C LYS A 94 -15.19 1.64 -24.84
N GLU A 95 -16.13 2.00 -25.71
CA GLU A 95 -16.55 3.39 -25.72
C GLU A 95 -17.62 3.69 -24.67
N GLU A 96 -18.14 2.67 -24.01
CA GLU A 96 -19.12 2.87 -22.92
C GLU A 96 -18.46 2.63 -21.54
N GLN A 97 -17.14 2.35 -21.50
CA GLN A 97 -16.42 2.04 -20.24
C GLN A 97 -16.20 3.35 -19.47
N PRO A 98 -16.26 3.38 -18.12
CA PRO A 98 -16.01 4.62 -17.37
C PRO A 98 -14.52 5.02 -17.40
N LYS A 99 -14.47 6.25 -17.32
N LYS A 99 -14.48 6.24 -17.35
CA LYS A 99 -13.14 6.81 -17.07
CA LYS A 99 -13.14 6.75 -17.06
C LYS A 99 -12.85 7.01 -15.59
C LYS A 99 -12.85 6.75 -15.57
N GLN A 100 -13.88 6.97 -14.75
CA GLN A 100 -13.77 7.05 -13.32
C GLN A 100 -14.87 6.21 -12.68
N ILE A 101 -14.54 5.62 -11.54
CA ILE A 101 -15.51 4.96 -10.71
C ILE A 101 -15.36 5.53 -9.32
N ILE A 102 -16.43 6.12 -8.81
CA ILE A 102 -16.47 6.75 -7.48
C ILE A 102 -17.21 5.85 -6.51
N VAL A 103 -16.55 5.42 -5.44
CA VAL A 103 -17.18 4.57 -4.44
C VAL A 103 -17.71 5.44 -3.32
N THR A 104 -18.86 5.08 -2.79
CA THR A 104 -19.40 5.91 -1.74
C THR A 104 -18.81 5.60 -0.37
N ARG A 105 -18.05 4.52 -0.23
CA ARG A 105 -17.40 4.19 1.03
C ARG A 105 -15.95 3.82 0.77
N LYS A 106 -15.02 4.37 1.56
CA LYS A 106 -13.60 4.20 1.29
C LYS A 106 -13.13 2.75 1.41
N ALA A 107 -13.87 1.92 2.14
CA ALA A 107 -13.54 0.50 2.24
C ALA A 107 -13.62 -0.23 0.90
N MET A 108 -14.33 0.33 -0.09
CA MET A 108 -14.41 -0.28 -1.42
C MET A 108 -13.20 0.04 -2.28
N LEU A 109 -12.31 0.92 -1.82
CA LEU A 109 -11.24 1.38 -2.69
C LEU A 109 -10.25 0.26 -3.03
N ASP A 110 -9.72 -0.45 -2.03
CA ASP A 110 -8.70 -1.45 -2.34
C ASP A 110 -9.34 -2.63 -3.10
N PRO A 111 -10.51 -3.10 -2.69
CA PRO A 111 -11.12 -4.19 -3.48
C PRO A 111 -11.32 -3.82 -4.94
N LEU A 112 -11.82 -2.62 -5.19
CA LEU A 112 -12.11 -2.26 -6.57
C LEU A 112 -10.82 -2.03 -7.34
N GLU A 113 -9.83 -1.35 -6.71
CA GLU A 113 -8.52 -1.17 -7.34
C GLU A 113 -7.88 -2.52 -7.73
N VAL A 114 -7.95 -3.53 -6.86
CA VAL A 114 -7.29 -4.80 -7.16
C VAL A 114 -8.01 -5.51 -8.30
N HIS A 115 -9.34 -5.52 -8.26
CA HIS A 115 -10.11 -6.13 -9.34
C HIS A 115 -9.94 -5.40 -10.68
N MET A 116 -9.52 -4.14 -10.67
CA MET A 116 -9.44 -3.34 -11.90
C MET A 116 -8.00 -3.10 -12.33
N LEU A 117 -7.05 -3.94 -11.87
CA LEU A 117 -5.65 -3.77 -12.24
C LEU A 117 -5.45 -3.80 -13.75
N ASP A 118 -6.28 -4.56 -14.46
CA ASP A 118 -6.29 -4.67 -15.91
C ASP A 118 -6.70 -3.37 -16.61
N PHE A 119 -7.21 -2.40 -15.85
CA PHE A 119 -7.78 -1.16 -16.37
C PHE A 119 -7.05 -0.01 -15.72
N PRO A 120 -5.74 0.12 -15.97
CA PRO A 120 -4.96 1.14 -15.26
C PRO A 120 -5.43 2.55 -15.53
N ASN A 121 -6.10 2.80 -16.67
CA ASN A 121 -6.59 4.12 -17.03
C ASN A 121 -7.95 4.48 -16.43
N ILE A 122 -8.59 3.60 -15.68
CA ILE A 122 -9.84 3.93 -15.00
C ILE A 122 -9.49 4.39 -13.57
N ALA A 123 -9.84 5.61 -13.22
CA ALA A 123 -9.54 6.12 -11.89
C ALA A 123 -10.57 5.58 -10.91
N ILE A 124 -10.11 5.08 -9.76
CA ILE A 124 -10.97 4.66 -8.67
C ILE A 124 -10.83 5.69 -7.55
N ARG A 125 -11.96 6.30 -7.16
CA ARG A 125 -11.94 7.51 -6.31
C ARG A 125 -12.97 7.39 -5.21
N PRO A 126 -12.65 7.87 -4.01
CA PRO A 126 -13.67 8.10 -3.00
C PRO A 126 -14.39 9.43 -3.25
N THR A 127 -15.32 9.74 -2.37
CA THR A 127 -16.02 11.02 -2.43
C THR A 127 -16.25 11.52 -1.02
N GLU A 128 -16.19 12.85 -0.86
N GLU A 128 -16.19 12.84 -0.84
CA GLU A 128 -16.57 13.48 0.40
CA GLU A 128 -16.58 13.44 0.42
C GLU A 128 -18.06 13.79 0.46
C GLU A 128 -18.06 13.80 0.46
N LEU A 129 -18.80 13.57 -0.62
CA LEU A 129 -20.25 13.71 -0.58
C LEU A 129 -20.87 12.58 0.24
N ARG A 130 -21.88 12.93 1.04
CA ARG A 130 -22.68 11.95 1.79
C ARG A 130 -23.90 11.65 0.93
N LEU A 131 -23.80 10.62 0.14
CA LEU A 131 -24.84 10.32 -0.83
C LEU A 131 -25.83 9.31 -0.25
N PRO A 132 -27.13 9.56 -0.36
CA PRO A 132 -28.10 8.68 0.30
C PRO A 132 -28.54 7.50 -0.54
N PHE A 133 -27.60 6.88 -1.25
CA PHE A 133 -27.92 5.72 -2.09
C PHE A 133 -28.36 4.48 -1.31
N SER A 134 -28.00 4.35 -0.03
CA SER A 134 -28.58 3.28 0.77
C SER A 134 -30.11 3.24 0.68
N ALA A 135 -30.75 4.39 0.52
CA ALA A 135 -32.22 4.39 0.42
C ALA A 135 -32.75 3.86 -0.92
N ALA A 136 -31.91 3.32 -1.82
CA ALA A 136 -32.42 2.75 -3.06
C ALA A 136 -33.52 1.76 -2.76
N MET A 137 -33.36 1.02 -1.67
CA MET A 137 -34.31 -0.04 -1.37
C MET A 137 -35.64 0.51 -0.88
N SER A 138 -35.74 1.82 -0.62
CA SER A 138 -37.02 2.44 -0.33
C SER A 138 -37.83 2.74 -1.59
N ILE A 139 -37.25 2.57 -2.78
CA ILE A 139 -37.99 2.72 -4.02
C ILE A 139 -38.69 1.39 -4.32
N ASP A 140 -40.01 1.43 -4.38
CA ASP A 140 -40.79 0.21 -4.33
C ASP A 140 -40.42 -0.76 -5.46
N LYS A 141 -40.31 -0.29 -6.69
CA LYS A 141 -40.04 -1.24 -7.80
C LYS A 141 -38.67 -1.87 -7.55
N LEU A 142 -37.66 -1.13 -7.05
CA LEU A 142 -36.32 -1.71 -6.86
C LEU A 142 -36.35 -2.74 -5.74
N SER A 143 -36.96 -2.37 -4.61
CA SER A 143 -37.14 -3.32 -3.53
C SER A 143 -37.84 -4.57 -4.01
N ASP A 144 -38.86 -4.43 -4.88
CA ASP A 144 -39.65 -5.58 -5.27
C ASP A 144 -38.81 -6.55 -6.13
N VAL A 145 -38.02 -6.02 -7.06
CA VAL A 145 -37.27 -6.91 -7.93
C VAL A 145 -36.18 -7.62 -7.13
N VAL A 146 -35.60 -6.94 -6.15
CA VAL A 146 -34.56 -7.58 -5.35
C VAL A 146 -35.15 -8.72 -4.49
N MET A 147 -36.30 -8.50 -3.87
N MET A 147 -36.29 -8.50 -3.85
N MET A 147 -36.29 -8.52 -3.88
CA MET A 147 -36.84 -9.47 -2.93
CA MET A 147 -36.80 -9.51 -2.94
CA MET A 147 -36.81 -9.52 -2.95
C MET A 147 -37.46 -10.67 -3.66
C MET A 147 -37.39 -10.70 -3.69
C MET A 147 -37.45 -10.69 -3.67
N LYS A 148 -37.89 -10.49 -4.91
CA LYS A 148 -38.44 -11.56 -5.70
C LYS A 148 -37.37 -12.42 -6.39
N ALA A 149 -36.11 -11.93 -6.51
CA ALA A 149 -35.08 -12.70 -7.20
C ALA A 149 -34.86 -14.10 -6.57
N THR A 150 -34.80 -15.13 -7.42
CA THR A 150 -34.48 -16.48 -6.99
C THR A 150 -33.09 -16.88 -7.44
N GLU A 151 -32.41 -16.01 -8.17
CA GLU A 151 -31.06 -16.27 -8.65
C GLU A 151 -30.38 -14.92 -8.89
N PRO A 152 -29.06 -14.90 -8.96
CA PRO A 152 -28.37 -13.67 -9.40
C PRO A 152 -28.97 -13.13 -10.68
N GLN A 153 -29.05 -11.81 -10.77
CA GLN A 153 -29.76 -11.12 -11.84
C GLN A 153 -29.25 -9.70 -11.91
N MET A 154 -29.13 -9.16 -13.12
CA MET A 154 -28.83 -7.76 -13.34
C MET A 154 -30.08 -7.13 -13.94
N VAL A 155 -30.73 -6.21 -13.19
CA VAL A 155 -31.97 -5.47 -13.55
C VAL A 155 -31.58 -4.03 -13.90
N LEU A 156 -32.06 -3.49 -15.03
CA LEU A 156 -31.65 -2.18 -15.56
C LEU A 156 -32.78 -1.14 -15.44
N PHE A 157 -32.50 0.04 -14.91
CA PHE A 157 -33.51 1.11 -14.77
C PHE A 157 -32.91 2.46 -15.12
N ASN A 158 -33.74 3.40 -15.57
CA ASN A 158 -33.32 4.80 -15.61
C ASN A 158 -33.81 5.31 -14.26
N ILE A 159 -32.92 5.74 -13.36
CA ILE A 159 -33.29 6.30 -12.03
C ILE A 159 -33.82 7.75 -12.19
N TYR A 160 -33.77 8.36 -13.39
CA TYR A 160 -34.35 9.66 -13.63
C TYR A 160 -35.67 9.60 -14.41
N ASP A 161 -36.24 8.41 -14.66
CA ASP A 161 -37.48 8.29 -15.51
C ASP A 161 -37.17 8.99 -16.85
N ASP A 162 -37.89 10.03 -17.30
CA ASP A 162 -37.66 10.81 -18.53
C ASP A 162 -37.40 12.23 -18.07
N TRP A 163 -36.85 12.46 -16.86
CA TRP A 163 -36.66 13.83 -16.42
C TRP A 163 -35.70 14.58 -17.34
N LEU A 164 -34.72 13.88 -17.94
CA LEU A 164 -33.68 14.49 -18.80
C LEU A 164 -34.30 15.10 -20.06
N ASP A 165 -35.56 14.82 -20.36
CA ASP A 165 -36.25 15.54 -21.43
C ASP A 165 -36.55 16.98 -21.04
N ARG A 166 -36.65 17.27 -19.76
CA ARG A 166 -37.04 18.60 -19.30
C ARG A 166 -36.02 19.32 -18.43
N ILE A 167 -35.09 18.61 -17.78
CA ILE A 167 -34.10 19.23 -16.92
C ILE A 167 -32.71 18.70 -17.23
N SER A 168 -31.71 19.41 -16.71
CA SER A 168 -30.33 19.00 -16.83
C SER A 168 -29.97 17.84 -15.87
N SER A 169 -28.89 17.14 -16.18
N SER A 169 -28.86 17.16 -16.14
CA SER A 169 -28.40 16.12 -15.26
CA SER A 169 -28.43 16.09 -15.23
C SER A 169 -28.16 16.72 -13.88
C SER A 169 -27.98 16.63 -13.87
N TYR A 170 -27.46 17.85 -13.81
CA TYR A 170 -27.22 18.49 -12.51
C TYR A 170 -28.51 18.57 -11.71
N THR A 171 -29.57 19.10 -12.33
CA THR A 171 -30.85 19.21 -11.64
C THR A 171 -31.45 17.83 -11.34
N ALA A 172 -31.31 16.88 -12.25
CA ALA A 172 -31.90 15.57 -12.03
C ALA A 172 -31.23 14.84 -10.85
N PHE A 173 -29.90 14.93 -10.80
CA PHE A 173 -29.17 14.40 -9.66
C PHE A 173 -29.56 15.09 -8.37
N SER A 174 -29.69 16.43 -8.39
CA SER A 174 -30.13 17.16 -7.19
C SER A 174 -31.48 16.63 -6.72
N ARG A 175 -32.44 16.51 -7.65
CA ARG A 175 -33.75 15.92 -7.31
C ARG A 175 -33.64 14.52 -6.73
N LEU A 176 -32.86 13.63 -7.39
CA LEU A 176 -32.73 12.27 -6.91
C LEU A 176 -32.17 12.25 -5.51
N THR A 177 -31.17 13.10 -5.23
CA THR A 177 -30.50 13.04 -3.94
C THR A 177 -31.42 13.58 -2.85
N LEU A 178 -32.26 14.55 -3.19
CA LEU A 178 -33.21 15.06 -2.21
C LEU A 178 -34.27 14.01 -1.90
N LEU A 179 -34.74 13.33 -2.94
CA LEU A 179 -35.75 12.29 -2.75
C LEU A 179 -35.19 11.15 -1.90
N LEU A 180 -33.98 10.72 -2.21
CA LEU A 180 -33.41 9.62 -1.47
C LEU A 180 -33.04 10.01 -0.05
N ARG A 181 -32.51 11.20 0.16
CA ARG A 181 -32.29 11.69 1.53
C ARG A 181 -33.60 11.69 2.33
N ALA A 182 -34.68 12.18 1.73
CA ALA A 182 -35.96 12.23 2.44
C ALA A 182 -36.44 10.80 2.76
N LEU A 183 -36.31 9.89 1.79
CA LEU A 183 -36.73 8.52 2.03
C LEU A 183 -35.89 7.89 3.12
N LYS A 184 -34.61 8.29 3.22
CA LYS A 184 -33.72 7.77 4.24
C LYS A 184 -34.00 8.37 5.62
N THR A 185 -34.49 9.61 5.67
N THR A 185 -34.50 9.59 5.67
CA THR A 185 -34.74 10.26 6.96
CA THR A 185 -34.75 10.28 6.93
C THR A 185 -36.09 9.88 7.53
C THR A 185 -36.09 9.91 7.53
N ASN A 186 -37.16 9.89 6.72
CA ASN A 186 -38.47 9.44 7.18
C ASN A 186 -39.20 8.80 6.00
N GLU A 187 -39.04 7.48 5.90
CA GLU A 187 -39.49 6.77 4.71
C GLU A 187 -41.01 6.86 4.56
N GLU A 188 -41.75 6.63 5.64
CA GLU A 188 -43.21 6.67 5.54
C GLU A 188 -43.70 8.04 5.08
N SER A 189 -43.17 9.12 5.68
CA SER A 189 -43.60 10.45 5.31
C SER A 189 -43.24 10.76 3.85
N ALA A 190 -42.03 10.37 3.42
CA ALA A 190 -41.61 10.61 2.04
C ALA A 190 -42.54 9.93 1.06
N LYS A 191 -42.90 8.66 1.31
CA LYS A 191 -43.79 7.95 0.40
C LYS A 191 -45.17 8.61 0.40
N MET A 192 -45.66 9.00 1.59
CA MET A 192 -46.88 9.78 1.68
CA MET A 192 -46.88 9.79 1.69
C MET A 192 -46.85 11.00 0.76
N ILE A 193 -45.78 11.81 0.84
CA ILE A 193 -45.63 12.97 -0.03
C ILE A 193 -45.70 12.56 -1.49
N LEU A 194 -45.03 11.45 -1.83
CA LEU A 194 -44.89 11.08 -3.22
C LEU A 194 -46.17 10.49 -3.78
N LEU A 195 -46.94 9.80 -2.93
CA LEU A 195 -48.14 9.10 -3.37
C LEU A 195 -49.40 9.59 -2.69
N SER A 196 -49.37 10.74 -2.01
CA SER A 196 -50.59 11.25 -1.39
C SER A 196 -51.71 11.31 -2.43
N ASP A 197 -51.41 11.85 -3.61
CA ASP A 197 -52.42 12.22 -4.60
C ASP A 197 -52.60 11.09 -5.61
N PRO A 198 -53.78 10.47 -5.71
CA PRO A 198 -53.94 9.31 -6.61
C PRO A 198 -53.97 9.65 -8.10
N THR A 199 -54.36 10.87 -8.49
CA THR A 199 -54.44 11.22 -9.90
C THR A 199 -53.08 11.40 -10.56
N ILE A 200 -52.00 11.44 -9.78
CA ILE A 200 -50.65 11.44 -10.34
C ILE A 200 -50.12 10.02 -10.19
N THR A 201 -49.92 9.34 -11.30
CA THR A 201 -49.53 7.94 -11.27
C THR A 201 -48.10 7.77 -11.75
N ILE A 202 -47.60 6.56 -11.51
CA ILE A 202 -46.29 6.10 -11.94
C ILE A 202 -46.47 5.29 -13.20
N LYS A 203 -46.02 5.82 -14.37
CA LYS A 203 -46.02 5.10 -15.68
C LYS A 203 -45.43 3.70 -15.50
N SER A 204 -45.88 2.77 -16.33
CA SER A 204 -45.58 1.33 -16.20
C SER A 204 -44.08 1.01 -16.07
N TYR A 205 -43.17 1.71 -16.76
CA TYR A 205 -41.70 1.45 -16.79
C TYR A 205 -40.86 2.38 -15.89
N HIS A 206 -41.51 3.36 -15.24
CA HIS A 206 -40.87 4.42 -14.42
C HIS A 206 -40.82 4.05 -12.93
N LEU A 207 -40.01 4.75 -12.14
CA LEU A 207 -39.90 4.57 -10.66
C LEU A 207 -40.71 5.65 -9.93
N TRP A 208 -40.83 6.84 -10.48
CA TRP A 208 -41.40 7.95 -9.72
C TRP A 208 -42.67 8.39 -10.43
N PRO A 209 -43.57 9.09 -9.74
CA PRO A 209 -44.78 9.59 -10.40
C PRO A 209 -44.50 10.62 -11.51
N SER A 210 -45.54 10.81 -12.35
CA SER A 210 -45.48 11.68 -13.52
C SER A 210 -45.89 13.10 -13.14
N PHE A 211 -45.08 13.72 -12.28
CA PHE A 211 -45.35 15.08 -11.84
C PHE A 211 -45.04 16.08 -12.95
N THR A 212 -45.91 17.07 -13.11
CA THR A 212 -45.57 18.19 -13.96
C THR A 212 -44.43 18.98 -13.32
N ASP A 213 -43.89 19.93 -14.09
CA ASP A 213 -42.81 20.76 -13.56
C ASP A 213 -43.24 21.47 -12.28
N GLU A 214 -44.45 22.07 -12.27
CA GLU A 214 -44.86 22.81 -11.08
C GLU A 214 -45.12 21.86 -9.91
N GLN A 215 -45.67 20.69 -10.19
CA GLN A 215 -45.88 19.71 -9.14
C GLN A 215 -44.56 19.20 -8.59
N TRP A 216 -43.50 19.18 -9.40
CA TRP A 216 -42.21 18.74 -8.89
C TRP A 216 -41.63 19.77 -7.92
N ILE A 217 -41.87 21.05 -8.21
CA ILE A 217 -41.48 22.13 -7.29
C ILE A 217 -42.17 21.94 -5.95
N THR A 218 -43.48 21.70 -5.99
CA THR A 218 -44.23 21.46 -4.76
C THR A 218 -43.66 20.25 -4.01
N ILE A 219 -43.47 19.12 -4.72
CA ILE A 219 -42.92 17.92 -4.08
C ILE A 219 -41.56 18.21 -3.46
N GLU A 220 -40.69 18.89 -4.20
CA GLU A 220 -39.35 19.16 -3.68
C GLU A 220 -39.41 19.99 -2.39
N SER A 221 -40.29 21.00 -2.36
N SER A 221 -40.28 21.01 -2.36
CA SER A 221 -40.48 21.80 -1.16
CA SER A 221 -40.46 21.79 -1.14
C SER A 221 -40.97 20.94 0.01
C SER A 221 -40.93 20.90 0.01
N GLN A 222 -41.91 20.03 -0.24
CA GLN A 222 -42.39 19.14 0.81
C GLN A 222 -41.28 18.23 1.33
N MET A 223 -40.45 17.73 0.42
CA MET A 223 -39.31 16.92 0.82
C MET A 223 -38.33 17.72 1.69
N ARG A 224 -38.02 18.96 1.30
N ARG A 224 -38.05 18.96 1.33
CA ARG A 224 -37.14 19.80 2.13
CA ARG A 224 -37.13 19.76 2.13
C ARG A 224 -37.75 20.01 3.51
C ARG A 224 -37.73 20.08 3.50
N ASP A 225 -39.03 20.37 3.56
CA ASP A 225 -39.72 20.54 4.84
CA ASP A 225 -39.69 20.54 4.85
C ASP A 225 -39.62 19.27 5.69
N LEU A 226 -39.77 18.08 5.07
CA LEU A 226 -39.66 16.83 5.82
C LEU A 226 -38.27 16.71 6.43
N ILE A 227 -37.22 17.03 5.65
CA ILE A 227 -35.86 16.88 6.18
C ILE A 227 -35.65 17.87 7.31
N LEU A 228 -36.07 19.11 7.10
CA LEU A 228 -35.95 20.10 8.16
C LEU A 228 -36.79 19.71 9.37
N THR A 229 -37.99 19.16 9.14
CA THR A 229 -38.83 18.72 10.25
C THR A 229 -38.15 17.60 11.06
N GLU A 230 -37.60 16.60 10.37
CA GLU A 230 -36.91 15.53 11.10
C GLU A 230 -35.64 16.04 11.78
N TYR A 231 -34.97 17.00 11.16
CA TYR A 231 -33.77 17.54 11.79
C TYR A 231 -34.12 18.24 13.08
N GLY A 232 -35.29 18.88 13.14
CA GLY A 232 -35.73 19.55 14.35
C GLY A 232 -36.22 18.54 15.39
N ARG A 233 -36.95 17.52 14.94
CA ARG A 233 -37.36 16.46 15.85
C ARG A 233 -36.13 15.80 16.47
N LYS A 234 -35.11 15.54 15.64
CA LYS A 234 -33.90 14.86 16.09
C LYS A 234 -33.17 15.63 17.19
N TYR A 235 -32.81 16.87 16.88
CA TYR A 235 -31.98 17.70 17.74
C TYR A 235 -32.79 18.62 18.65
N ASN A 236 -34.11 18.43 18.72
CA ASN A 236 -34.98 19.24 19.58
C ASN A 236 -34.85 20.73 19.25
N VAL A 237 -34.91 21.06 17.96
CA VAL A 237 -34.80 22.44 17.48
C VAL A 237 -36.17 22.99 17.09
N MET B 5 43.56 -11.56 8.61
CA MET B 5 42.94 -10.21 8.58
C MET B 5 43.50 -9.37 7.42
N ASN B 6 42.66 -8.53 6.81
CA ASN B 6 43.02 -7.68 5.68
C ASN B 6 42.91 -6.21 6.08
N THR B 7 43.21 -5.33 5.12
CA THR B 7 43.51 -3.93 5.42
C THR B 7 43.03 -3.05 4.27
N VAL B 8 42.37 -1.96 4.63
CA VAL B 8 42.00 -0.88 3.70
C VAL B 8 42.85 0.33 4.03
N PRO B 9 43.99 0.49 3.40
CA PRO B 9 44.80 1.71 3.61
C PRO B 9 44.18 2.96 2.96
N PHE B 10 44.59 4.11 3.49
CA PHE B 10 44.23 5.44 2.97
C PHE B 10 45.50 6.16 2.54
N THR B 11 45.48 6.75 1.36
CA THR B 11 46.57 7.63 0.97
C THR B 11 46.77 8.73 1.99
N SER B 12 45.67 9.34 2.43
CA SER B 12 45.68 10.46 3.35
C SER B 12 44.27 10.85 3.75
N ALA B 13 44.15 11.84 4.62
CA ALA B 13 42.87 12.38 5.06
C ALA B 13 42.86 13.89 4.94
N PRO B 14 42.71 14.43 3.71
CA PRO B 14 42.84 15.89 3.54
C PRO B 14 41.65 16.66 4.07
N ILE B 15 40.51 16.03 4.32
CA ILE B 15 39.37 16.74 4.87
C ILE B 15 38.84 15.99 6.08
N GLU B 16 38.40 16.77 7.05
CA GLU B 16 37.84 16.27 8.28
C GLU B 16 36.60 15.46 7.97
N VAL B 17 36.48 14.31 8.61
CA VAL B 17 35.51 13.31 8.16
C VAL B 17 35.26 12.32 9.28
N THR B 18 33.99 11.98 9.46
CA THR B 18 33.62 10.84 10.29
C THR B 18 33.60 9.59 9.40
N ILE B 19 34.45 8.63 9.74
CA ILE B 19 34.59 7.37 9.00
C ILE B 19 33.86 6.25 9.68
N GLY B 20 33.02 5.57 8.91
CA GLY B 20 32.36 4.38 9.37
C GLY B 20 33.06 3.11 8.81
N ILE B 21 33.16 2.12 9.65
CA ILE B 21 33.57 0.78 9.21
C ILE B 21 32.63 -0.22 9.86
N ASP B 22 31.76 -0.82 9.05
CA ASP B 22 30.69 -1.69 9.56
C ASP B 22 29.94 -0.85 10.60
N GLN B 23 29.71 -1.38 11.79
CA GLN B 23 28.94 -0.67 12.81
C GLN B 23 29.80 0.23 13.67
N TYR B 24 31.10 0.35 13.38
CA TYR B 24 31.95 1.27 14.14
C TYR B 24 32.14 2.61 13.39
N SER B 25 32.57 3.63 14.13
CA SER B 25 32.82 4.92 13.53
C SER B 25 33.80 5.69 14.41
N PHE B 26 34.54 6.57 13.75
CA PHE B 26 35.56 7.38 14.41
C PHE B 26 35.76 8.62 13.57
N ASN B 27 36.31 9.67 14.19
CA ASN B 27 36.49 10.95 13.55
C ASN B 27 37.94 11.11 13.17
N VAL B 28 38.18 11.66 11.97
CA VAL B 28 39.52 12.04 11.55
C VAL B 28 39.58 13.54 11.28
N LYS B 29 40.58 14.22 11.84
CA LYS B 29 40.69 15.66 11.65
C LYS B 29 41.34 16.01 10.29
N GLU B 30 41.07 17.24 9.82
CA GLU B 30 41.61 17.74 8.55
C GLU B 30 43.13 17.64 8.51
N ASN B 31 43.65 16.76 7.64
CA ASN B 31 45.07 16.50 7.45
C ASN B 31 45.73 15.77 8.63
N GLN B 32 44.93 15.11 9.45
CA GLN B 32 45.51 14.22 10.46
C GLN B 32 46.26 13.06 9.77
N PRO B 33 47.38 12.58 10.38
CA PRO B 33 48.19 11.49 9.79
C PRO B 33 47.56 10.10 9.87
N PHE B 34 46.49 9.91 9.13
CA PHE B 34 45.71 8.69 9.11
C PHE B 34 46.00 7.93 7.82
N HIS B 35 46.31 6.63 7.93
CA HIS B 35 46.50 5.81 6.74
C HIS B 35 45.67 4.54 6.77
N GLY B 36 44.52 4.57 7.45
CA GLY B 36 43.52 3.52 7.26
C GLY B 36 43.16 2.61 8.42
N ILE B 37 42.62 1.44 8.05
CA ILE B 37 41.97 0.51 8.95
C ILE B 37 42.58 -0.87 8.71
N LYS B 38 43.06 -1.51 9.77
CA LYS B 38 43.67 -2.82 9.71
C LYS B 38 42.85 -3.85 10.51
N ASP B 39 43.24 -5.13 10.39
CA ASP B 39 42.65 -6.25 11.18
C ASP B 39 41.17 -6.47 10.85
N ILE B 40 40.80 -6.34 9.57
CA ILE B 40 39.40 -6.43 9.16
C ILE B 40 39.03 -7.90 9.01
N PRO B 41 38.01 -8.39 9.69
CA PRO B 41 37.80 -9.83 9.75
C PRO B 41 37.46 -10.36 8.37
N ILE B 42 38.27 -11.31 7.92
CA ILE B 42 38.01 -12.04 6.70
C ILE B 42 36.79 -12.93 6.88
N GLY B 43 35.99 -13.02 5.83
CA GLY B 43 34.85 -13.95 5.78
C GLY B 43 33.53 -13.25 5.63
N HIS B 44 33.52 -11.93 5.75
CA HIS B 44 32.31 -11.14 5.64
C HIS B 44 32.48 -10.04 4.62
N VAL B 45 31.33 -9.52 4.17
N VAL B 45 31.36 -9.63 4.02
CA VAL B 45 31.27 -8.31 3.37
CA VAL B 45 31.37 -8.33 3.40
C VAL B 45 31.18 -7.08 4.28
C VAL B 45 31.60 -7.30 4.50
N HIS B 46 32.05 -6.13 4.05
CA HIS B 46 32.16 -4.92 4.87
C HIS B 46 31.68 -3.69 4.14
N VAL B 47 31.50 -2.62 4.92
CA VAL B 47 31.11 -1.35 4.36
C VAL B 47 31.95 -0.29 5.04
N ILE B 48 32.65 0.51 4.24
N ILE B 48 32.69 0.50 4.25
CA ILE B 48 33.35 1.71 4.73
CA ILE B 48 33.33 1.71 4.74
C ILE B 48 32.61 2.94 4.25
C ILE B 48 32.48 2.89 4.30
N HIS B 49 32.34 3.88 5.18
CA HIS B 49 31.40 4.95 4.91
C HIS B 49 31.92 6.24 5.53
N PHE B 50 31.38 7.35 5.01
CA PHE B 50 31.96 8.68 5.17
C PHE B 50 30.86 9.70 5.40
N GLN B 51 31.11 10.60 6.34
CA GLN B 51 30.28 11.78 6.46
C GLN B 51 31.22 12.95 6.75
N HIS B 52 31.28 13.84 5.81
CA HIS B 52 32.24 14.96 5.90
C HIS B 52 31.86 15.91 7.03
N ALA B 53 32.89 16.40 7.74
CA ALA B 53 32.63 17.26 8.88
C ALA B 53 32.01 18.57 8.43
N ASP B 54 32.52 19.13 7.33
CA ASP B 54 32.10 20.44 6.88
C ASP B 54 30.85 20.38 6.01
N ASN B 55 30.36 19.20 5.66
CA ASN B 55 29.14 19.10 4.87
C ASN B 55 28.54 17.71 5.09
N SER B 56 27.65 17.62 6.08
CA SER B 56 27.01 16.33 6.34
C SER B 56 26.07 15.92 5.21
N SER B 57 25.89 16.75 4.18
CA SER B 57 25.21 16.28 2.97
C SER B 57 25.98 15.11 2.36
N MET B 58 25.24 14.14 1.84
N MET B 58 25.21 14.15 1.86
CA MET B 58 25.85 12.99 1.21
CA MET B 58 25.75 12.95 1.23
C MET B 58 26.71 12.20 2.20
C MET B 58 26.67 12.17 2.15
N ARG B 59 26.07 11.38 3.03
CA ARG B 59 26.74 10.18 3.52
C ARG B 59 27.00 9.32 2.28
N TYR B 60 28.14 8.64 2.21
CA TYR B 60 28.40 7.77 1.07
C TYR B 60 29.39 6.71 1.51
N GLY B 61 29.49 5.64 0.73
CA GLY B 61 30.44 4.61 1.11
C GLY B 61 30.52 3.47 0.12
N TYR B 62 31.28 2.48 0.50
CA TYR B 62 31.63 1.35 -0.37
C TYR B 62 31.43 0.04 0.35
N TRP B 63 30.74 -0.89 -0.31
CA TRP B 63 30.66 -2.28 0.07
C TRP B 63 31.77 -3.05 -0.61
N PHE B 64 32.50 -3.83 0.17
CA PHE B 64 33.62 -4.56 -0.39
C PHE B 64 33.87 -5.85 0.39
N ASP B 65 34.65 -6.74 -0.21
CA ASP B 65 35.08 -8.00 0.37
C ASP B 65 36.58 -8.13 0.12
N CYS B 66 37.36 -8.17 1.20
CA CYS B 66 38.81 -8.22 1.09
C CYS B 66 39.30 -9.45 0.34
N ARG B 67 38.49 -10.51 0.27
CA ARG B 67 38.92 -11.67 -0.51
C ARG B 67 38.95 -11.40 -2.00
N MET B 68 38.31 -10.33 -2.47
N MET B 68 38.30 -10.33 -2.47
CA MET B 68 38.15 -10.10 -3.91
CA MET B 68 38.11 -10.07 -3.90
C MET B 68 39.19 -9.15 -4.51
C MET B 68 39.16 -9.11 -4.49
N GLY B 69 40.16 -8.71 -3.73
CA GLY B 69 41.18 -7.81 -4.24
C GLY B 69 41.70 -6.90 -3.16
N ASN B 70 42.73 -6.15 -3.51
CA ASN B 70 43.35 -5.18 -2.61
C ASN B 70 42.75 -3.80 -2.85
N PHE B 71 42.04 -3.26 -1.87
CA PHE B 71 41.37 -1.97 -2.03
C PHE B 71 41.94 -0.94 -1.04
N TYR B 72 42.02 0.31 -1.51
CA TYR B 72 42.48 1.44 -0.71
C TYR B 72 41.58 2.64 -0.97
N ILE B 73 41.68 3.65 -0.11
CA ILE B 73 40.88 4.87 -0.19
C ILE B 73 41.83 6.02 -0.52
N GLN B 74 41.44 6.85 -1.46
CA GLN B 74 42.18 8.07 -1.80
C GLN B 74 41.21 9.22 -2.05
N TYR B 75 41.45 10.34 -1.40
CA TYR B 75 40.64 11.53 -1.62
C TYR B 75 40.85 12.09 -3.04
N ASP B 76 39.74 12.41 -3.69
CA ASP B 76 39.78 13.08 -4.98
C ASP B 76 39.37 14.54 -4.81
N PRO B 77 40.29 15.51 -4.95
CA PRO B 77 39.92 16.91 -4.67
C PRO B 77 39.00 17.51 -5.71
N LYS B 78 38.82 16.83 -6.83
CA LYS B 78 37.99 17.38 -7.91
C LYS B 78 36.54 16.99 -7.66
N ASP B 79 36.31 15.68 -7.51
CA ASP B 79 34.97 15.24 -7.18
C ASP B 79 34.65 15.42 -5.71
N GLY B 80 35.63 15.78 -4.89
CA GLY B 80 35.33 16.05 -3.49
C GLY B 80 34.89 14.89 -2.61
N LEU B 81 35.42 13.68 -2.81
CA LEU B 81 35.09 12.59 -1.92
C LEU B 81 36.22 11.59 -1.84
N TYR B 82 36.16 10.83 -0.78
CA TYR B 82 37.03 9.68 -0.55
C TYR B 82 36.59 8.59 -1.51
N LYS B 83 37.45 8.21 -2.47
CA LYS B 83 37.14 7.16 -3.42
C LYS B 83 37.83 5.83 -3.10
N MET B 84 37.12 4.72 -3.27
CA MET B 84 37.78 3.41 -3.23
C MET B 84 38.40 3.12 -4.58
N MET B 85 39.57 2.50 -4.52
CA MET B 85 40.31 2.07 -5.69
C MET B 85 40.86 0.67 -5.45
N GLU B 86 41.08 -0.07 -6.52
CA GLU B 86 41.72 -1.36 -6.42
C GLU B 86 43.16 -1.23 -6.88
N GLU B 87 44.10 -1.81 -6.13
CA GLU B 87 45.50 -1.92 -6.54
C GLU B 87 45.75 -3.35 -7.03
N ARG B 88 46.19 -3.47 -8.28
CA ARG B 88 46.48 -4.78 -8.84
C ARG B 88 47.88 -5.27 -8.54
N ASP B 89 48.83 -4.35 -8.31
CA ASP B 89 50.20 -4.71 -7.94
C ASP B 89 50.18 -5.17 -6.48
N GLY B 90 50.12 -6.48 -6.27
CA GLY B 90 49.97 -7.01 -4.93
C GLY B 90 51.16 -6.74 -4.04
N ALA B 91 52.37 -6.82 -4.58
CA ALA B 91 53.58 -6.62 -3.79
C ALA B 91 53.80 -5.13 -3.50
N LYS B 92 53.45 -4.28 -4.45
CA LYS B 92 53.35 -2.85 -4.16
C LYS B 92 52.43 -2.62 -2.96
N PHE B 93 51.24 -3.24 -3.00
CA PHE B 93 50.23 -2.97 -1.99
C PHE B 93 50.68 -3.43 -0.61
N GLU B 94 51.15 -4.68 -0.51
CA GLU B 94 51.66 -5.17 0.77
C GLU B 94 52.78 -4.28 1.31
N ASN B 95 53.68 -3.86 0.41
CA ASN B 95 54.78 -2.98 0.79
C ASN B 95 54.26 -1.69 1.42
N ILE B 96 53.20 -1.12 0.85
CA ILE B 96 52.65 0.13 1.38
C ILE B 96 52.01 -0.11 2.75
N VAL B 97 51.12 -1.10 2.85
CA VAL B 97 50.46 -1.35 4.13
C VAL B 97 51.48 -1.62 5.22
N HIS B 98 52.48 -2.48 4.94
CA HIS B 98 53.43 -2.83 5.99
C HIS B 98 54.14 -1.59 6.53
N ASN B 99 54.52 -0.65 5.67
CA ASN B 99 55.11 0.62 6.13
C ASN B 99 54.11 1.40 6.99
N PHE B 100 52.84 1.48 6.55
CA PHE B 100 51.83 2.12 7.38
C PHE B 100 51.61 1.37 8.69
N LYS B 101 51.63 0.03 8.63
CA LYS B 101 51.48 -0.75 9.85
C LYS B 101 52.66 -0.55 10.79
N GLU B 102 53.87 -0.49 10.24
CA GLU B 102 55.04 -0.29 11.08
C GLU B 102 55.02 1.07 11.77
N ARG B 103 54.54 2.10 11.09
CA ARG B 103 54.44 3.42 11.71
C ARG B 103 53.15 3.60 12.52
N GLN B 104 52.34 2.55 12.66
CA GLN B 104 51.13 2.58 13.49
C GLN B 104 50.21 3.74 13.09
N MET B 105 50.05 3.93 11.79
CA MET B 105 49.17 4.97 11.27
C MET B 105 47.80 4.45 10.90
N MET B 106 47.39 3.28 11.40
CA MET B 106 46.09 2.68 11.08
C MET B 106 45.34 2.32 12.34
N VAL B 107 44.03 2.62 12.36
CA VAL B 107 43.16 2.13 13.41
C VAL B 107 42.87 0.64 13.18
N SER B 108 42.63 -0.06 14.28
CA SER B 108 42.34 -1.48 14.21
C SER B 108 40.83 -1.66 14.26
N TYR B 109 40.28 -2.49 13.35
CA TYR B 109 38.90 -2.90 13.44
C TYR B 109 38.59 -3.45 14.84
N PRO B 110 37.74 -2.81 15.62
CA PRO B 110 37.69 -3.04 17.06
C PRO B 110 36.74 -4.17 17.45
N LYS B 111 36.96 -5.36 16.90
CA LYS B 111 36.03 -6.45 17.09
C LYS B 111 36.31 -7.17 18.41
N ILE B 112 35.33 -7.09 19.31
CA ILE B 112 35.31 -7.93 20.50
C ILE B 112 35.11 -9.39 20.10
N ASP B 113 35.73 -10.29 20.86
CA ASP B 113 35.70 -11.70 20.48
C ASP B 113 34.35 -12.33 20.77
N GLU B 114 33.67 -11.91 21.85
CA GLU B 114 32.31 -12.37 22.13
C GLU B 114 31.31 -11.99 21.05
N ASP B 115 31.65 -11.01 20.21
CA ASP B 115 30.64 -10.24 19.49
C ASP B 115 30.44 -10.77 18.07
N ASP B 116 29.21 -11.24 17.81
CA ASP B 116 28.77 -11.68 16.50
C ASP B 116 27.87 -10.66 15.81
N THR B 117 27.87 -9.38 16.23
CA THR B 117 26.89 -8.43 15.69
C THR B 117 26.97 -8.34 14.18
N TRP B 118 28.20 -8.21 13.63
CA TRP B 118 28.28 -7.96 12.20
C TRP B 118 27.84 -9.19 11.42
N TYR B 119 28.32 -10.37 11.82
CA TYR B 119 27.86 -11.64 11.23
C TYR B 119 26.32 -11.69 11.23
N ASN B 120 25.71 -11.39 12.37
CA ASN B 120 24.26 -11.46 12.49
C ASN B 120 23.55 -10.44 11.61
N LEU B 121 24.17 -9.32 11.29
CA LEU B 121 23.57 -8.36 10.35
C LEU B 121 23.81 -8.68 8.87
N THR B 122 24.81 -9.49 8.54
CA THR B 122 25.24 -9.71 7.15
C THR B 122 25.26 -11.19 6.79
N GLU B 123 24.65 -12.06 7.61
CA GLU B 123 24.68 -13.50 7.42
C GLU B 123 24.37 -13.90 5.98
N PHE B 124 23.37 -13.28 5.37
CA PHE B 124 22.98 -13.67 4.02
C PHE B 124 23.47 -12.73 2.93
N VAL B 125 24.23 -11.72 3.26
CA VAL B 125 24.65 -10.69 2.30
C VAL B 125 25.91 -11.19 1.61
N GLN B 126 25.93 -11.14 0.29
N GLN B 126 25.90 -11.19 0.28
CA GLN B 126 27.05 -11.65 -0.50
CA GLN B 126 27.00 -11.65 -0.55
C GLN B 126 27.41 -10.64 -1.57
C GLN B 126 27.41 -10.52 -1.48
N MET B 127 28.71 -10.42 -1.77
CA MET B 127 29.15 -9.35 -2.68
C MET B 127 28.57 -9.52 -4.08
N ASP B 128 28.49 -10.76 -4.58
CA ASP B 128 27.96 -10.93 -5.94
C ASP B 128 26.53 -10.41 -6.04
N LYS B 129 25.72 -10.57 -4.99
CA LYS B 129 24.35 -10.06 -5.05
C LYS B 129 24.32 -8.54 -4.90
N ILE B 130 25.24 -7.97 -4.11
CA ILE B 130 25.32 -6.52 -4.01
C ILE B 130 25.60 -5.93 -5.39
N ARG B 131 26.52 -6.54 -6.14
CA ARG B 131 26.93 -5.97 -7.42
C ARG B 131 25.84 -6.05 -8.48
N LYS B 132 24.78 -6.84 -8.25
CA LYS B 132 23.61 -6.86 -9.14
C LYS B 132 22.58 -5.82 -8.74
N ILE B 133 22.54 -5.40 -7.48
CA ILE B 133 21.66 -4.31 -7.06
C ILE B 133 22.31 -2.97 -7.40
N VAL B 134 23.63 -2.85 -7.17
CA VAL B 134 24.41 -1.65 -7.47
C VAL B 134 25.26 -1.91 -8.71
N ARG B 135 24.90 -1.33 -9.85
CA ARG B 135 25.48 -1.74 -11.13
C ARG B 135 26.62 -0.82 -11.56
N LYS B 136 27.85 -1.33 -11.45
CA LYS B 136 29.05 -0.65 -11.93
C LYS B 136 30.13 -1.69 -12.16
N ASP B 137 30.02 -2.40 -13.28
CA ASP B 137 30.70 -3.67 -13.47
C ASP B 137 32.22 -3.57 -13.42
N GLU B 138 32.79 -2.40 -13.72
CA GLU B 138 34.24 -2.24 -13.75
C GLU B 138 34.89 -2.29 -12.37
N ASN B 139 34.13 -2.29 -11.30
CA ASN B 139 34.67 -2.30 -9.95
C ASN B 139 34.20 -3.54 -9.22
N GLN B 140 35.04 -4.03 -8.30
CA GLN B 140 34.72 -5.18 -7.44
C GLN B 140 34.03 -4.75 -6.16
N PHE B 141 33.95 -3.45 -5.92
CA PHE B 141 33.32 -2.88 -4.75
C PHE B 141 32.19 -1.98 -5.26
N SER B 142 31.26 -1.65 -4.38
CA SER B 142 30.05 -0.95 -4.79
C SER B 142 29.83 0.29 -3.94
N TYR B 143 29.62 1.41 -4.64
CA TYR B 143 29.33 2.73 -4.06
C TYR B 143 27.83 2.88 -3.83
N VAL B 144 27.46 3.33 -2.64
CA VAL B 144 26.09 3.69 -2.29
C VAL B 144 26.15 5.05 -1.58
N ASP B 145 25.12 5.89 -1.77
CA ASP B 145 25.00 7.09 -0.96
C ASP B 145 23.55 7.36 -0.53
N SER B 146 23.44 8.43 0.25
CA SER B 146 22.20 8.90 0.86
C SER B 146 21.07 9.09 -0.15
N SER B 147 21.42 9.56 -1.34
CA SER B 147 20.45 10.13 -2.27
C SER B 147 20.12 9.21 -3.43
N MET B 148 20.84 8.12 -3.60
CA MET B 148 20.54 7.19 -4.68
C MET B 148 19.11 6.69 -4.58
N THR B 149 18.43 6.68 -5.71
CA THR B 149 17.07 6.21 -5.78
C THR B 149 17.06 4.75 -6.19
N THR B 150 15.91 4.12 -5.97
CA THR B 150 15.70 2.73 -6.35
C THR B 150 14.92 2.69 -7.66
N VAL B 151 15.05 1.56 -8.36
CA VAL B 151 14.32 1.38 -9.61
C VAL B 151 12.83 1.67 -9.42
N GLN B 152 12.24 1.15 -8.34
CA GLN B 152 10.82 1.39 -8.08
C GLN B 152 10.53 2.87 -7.84
N GLU B 153 11.42 3.55 -7.12
CA GLU B 153 11.27 5.00 -6.92
C GLU B 153 11.31 5.74 -8.25
N ASN B 154 12.13 5.27 -9.20
CA ASN B 154 12.26 5.89 -10.52
C ASN B 154 11.13 5.51 -11.47
N GLU B 155 10.22 4.63 -11.05
CA GLU B 155 9.04 4.31 -11.85
C GLU B 155 7.82 5.13 -11.43
N LEU B 156 7.86 5.73 -10.25
CA LEU B 156 6.72 6.47 -9.71
C LEU B 156 6.87 7.99 -9.89
N SER B 161 16.88 9.96 -11.34
CA SER B 161 16.31 9.42 -12.56
C SER B 161 17.40 9.01 -13.56
N ASP B 162 18.67 9.02 -13.12
CA ASP B 162 19.76 8.50 -13.94
C ASP B 162 19.95 7.02 -13.63
N PRO B 163 19.48 6.11 -14.48
CA PRO B 163 19.45 4.69 -14.09
C PRO B 163 20.80 4.12 -13.65
N ALA B 164 21.92 4.69 -14.13
CA ALA B 164 23.24 4.16 -13.80
C ALA B 164 23.57 4.32 -12.32
N HIS B 165 22.92 5.26 -11.65
CA HIS B 165 23.21 5.62 -10.26
C HIS B 165 22.08 5.14 -9.33
N SER B 166 21.47 4.00 -9.63
CA SER B 166 20.26 3.59 -8.94
C SER B 166 20.47 2.26 -8.22
N LEU B 167 19.59 1.98 -7.27
CA LEU B 167 19.60 0.75 -6.50
C LEU B 167 18.55 -0.17 -7.13
N ASN B 168 19.01 -1.24 -7.76
N ASN B 168 19.02 -1.25 -7.75
CA ASN B 168 18.11 -2.19 -8.45
CA ASN B 168 18.17 -2.22 -8.43
C ASN B 168 17.64 -3.28 -7.49
C ASN B 168 17.67 -3.30 -7.47
N TYR B 169 16.93 -2.86 -6.46
CA TYR B 169 16.27 -3.80 -5.56
C TYR B 169 15.11 -4.47 -6.32
N THR B 170 14.71 -5.63 -5.87
CA THR B 170 13.56 -6.32 -6.44
C THR B 170 12.28 -5.54 -6.15
N VAL B 171 11.52 -5.20 -7.19
CA VAL B 171 10.30 -4.43 -6.98
C VAL B 171 9.21 -5.29 -6.34
N ILE B 172 8.65 -4.80 -5.25
CA ILE B 172 7.54 -5.42 -4.55
C ILE B 172 6.41 -4.41 -4.54
N ASN B 173 5.25 -4.80 -5.07
CA ASN B 173 4.12 -3.89 -5.12
C ASN B 173 2.88 -4.73 -4.90
N PHE B 174 2.23 -4.56 -3.75
CA PHE B 174 1.08 -5.38 -3.37
C PHE B 174 -0.13 -5.19 -4.28
N LYS B 175 -0.26 -4.05 -4.96
CA LYS B 175 -1.36 -3.84 -5.89
C LYS B 175 -0.84 -3.78 -7.31
N SER B 176 -0.28 -4.90 -7.75
CA SER B 176 0.30 -5.04 -9.07
C SER B 176 -0.16 -6.36 -9.63
N ARG B 177 -0.15 -6.48 -10.96
CA ARG B 177 -0.56 -7.76 -11.54
C ARG B 177 0.38 -8.87 -11.13
N GLU B 178 1.66 -8.55 -10.87
CA GLU B 178 2.57 -9.59 -10.41
C GLU B 178 2.13 -10.16 -9.06
N ALA B 179 1.59 -9.34 -8.17
CA ALA B 179 1.19 -9.81 -6.85
C ALA B 179 -0.17 -10.51 -6.81
N ILE B 180 -0.98 -10.40 -7.85
CA ILE B 180 -2.40 -10.75 -7.77
C ILE B 180 -2.74 -11.62 -8.97
N ARG B 181 -3.12 -12.88 -8.73
CA ARG B 181 -3.56 -13.76 -9.83
C ARG B 181 -4.95 -13.36 -10.28
N PRO B 182 -5.17 -13.16 -11.57
CA PRO B 182 -6.55 -13.03 -12.08
C PRO B 182 -7.43 -14.11 -11.49
N GLY B 183 -8.55 -13.71 -10.88
CA GLY B 183 -9.47 -14.65 -10.32
C GLY B 183 -9.22 -15.04 -8.88
N HIS B 184 -8.09 -14.61 -8.33
CA HIS B 184 -7.75 -14.81 -6.93
C HIS B 184 -7.50 -13.47 -6.27
N GLU B 185 -8.29 -12.45 -6.62
CA GLU B 185 -8.02 -11.08 -6.19
C GLU B 185 -8.08 -10.96 -4.67
N MET B 186 -9.20 -11.36 -4.05
CA MET B 186 -9.32 -11.21 -2.60
C MET B 186 -8.34 -12.11 -1.88
N GLU B 187 -8.23 -13.35 -2.36
CA GLU B 187 -7.33 -14.32 -1.75
C GLU B 187 -5.91 -13.79 -1.73
N ASP B 188 -5.41 -13.37 -2.90
CA ASP B 188 -4.01 -12.97 -2.99
C ASP B 188 -3.75 -11.63 -2.31
N PHE B 189 -4.76 -10.76 -2.20
CA PHE B 189 -4.51 -9.45 -1.59
C PHE B 189 -4.51 -9.56 -0.07
N LEU B 190 -5.38 -10.40 0.47
CA LEU B 190 -5.43 -10.58 1.92
C LEU B 190 -4.42 -11.56 2.44
N ASP B 191 -3.93 -12.49 1.60
CA ASP B 191 -2.96 -13.52 1.97
C ASP B 191 -1.89 -13.54 0.87
N LYS B 192 -0.75 -12.92 1.18
CA LYS B 192 0.27 -12.74 0.15
C LYS B 192 1.13 -13.99 -0.09
N SER B 193 0.69 -15.19 0.32
CA SER B 193 1.56 -16.37 0.25
C SER B 193 1.94 -16.70 -1.19
N TYR B 194 1.05 -16.46 -2.16
N TYR B 194 1.02 -16.46 -2.13
N TYR B 194 1.03 -16.49 -2.15
CA TYR B 194 1.43 -16.79 -3.53
CA TYR B 194 1.31 -16.69 -3.54
CA TYR B 194 1.39 -16.76 -3.53
C TYR B 194 2.50 -15.83 -4.04
C TYR B 194 2.48 -15.83 -3.98
C TYR B 194 2.49 -15.83 -4.02
N TYR B 195 2.36 -14.54 -3.72
CA TYR B 195 3.37 -13.58 -4.14
C TYR B 195 4.72 -13.89 -3.45
N LEU B 196 4.69 -14.22 -2.15
CA LEU B 196 5.94 -14.54 -1.44
C LEU B 196 6.59 -15.80 -1.98
N ASN B 197 5.85 -16.93 -2.02
CA ASN B 197 6.43 -18.25 -2.26
C ASN B 197 6.58 -18.57 -3.73
N THR B 198 5.60 -18.24 -4.56
CA THR B 198 5.73 -18.59 -5.97
C THR B 198 6.45 -17.50 -6.76
N VAL B 199 6.00 -16.24 -6.65
CA VAL B 199 6.58 -15.20 -7.48
C VAL B 199 7.99 -14.86 -6.98
N MET B 200 8.14 -14.59 -5.69
CA MET B 200 9.40 -14.10 -5.18
C MET B 200 10.40 -15.21 -4.85
N LEU B 201 10.04 -16.15 -3.96
CA LEU B 201 11.02 -17.14 -3.55
C LEU B 201 11.35 -18.14 -4.68
N GLN B 202 10.34 -18.81 -5.23
N GLN B 202 10.35 -18.81 -5.22
CA GLN B 202 10.61 -19.77 -6.30
CA GLN B 202 10.64 -19.77 -6.29
C GLN B 202 11.02 -19.07 -7.59
C GLN B 202 11.03 -19.08 -7.60
N GLY B 203 10.32 -18.00 -7.94
CA GLY B 203 10.56 -17.32 -9.21
C GLY B 203 11.77 -16.40 -9.33
N ILE B 204 11.98 -15.50 -8.37
CA ILE B 204 12.94 -14.40 -8.53
C ILE B 204 14.18 -14.64 -7.69
N PHE B 205 14.01 -14.87 -6.39
CA PHE B 205 15.15 -15.03 -5.51
C PHE B 205 15.76 -16.43 -5.54
N LYS B 206 14.97 -17.44 -5.93
CA LYS B 206 15.35 -18.85 -5.96
C LYS B 206 15.38 -19.52 -4.58
N ASN B 207 15.70 -18.78 -3.52
CA ASN B 207 15.72 -19.38 -2.19
C ASN B 207 15.60 -18.27 -1.16
N SER B 208 15.34 -18.65 0.10
CA SER B 208 15.16 -17.64 1.14
C SER B 208 16.47 -16.95 1.51
N SER B 209 17.63 -17.57 1.25
CA SER B 209 18.89 -16.90 1.58
C SER B 209 19.10 -15.65 0.75
N ASN B 210 18.83 -15.72 -0.55
CA ASN B 210 18.93 -14.54 -1.37
C ASN B 210 17.93 -13.48 -0.93
N TYR B 211 16.71 -13.89 -0.54
CA TYR B 211 15.71 -12.94 -0.08
C TYR B 211 16.19 -12.22 1.16
N PHE B 212 16.64 -12.99 2.16
CA PHE B 212 17.13 -12.37 3.39
C PHE B 212 18.35 -11.51 3.13
N GLY B 213 19.23 -11.90 2.22
CA GLY B 213 20.39 -11.05 1.89
C GLY B 213 19.99 -9.68 1.37
N GLU B 214 18.99 -9.61 0.50
CA GLU B 214 18.57 -8.33 0.00
C GLU B 214 17.90 -7.50 1.09
N LEU B 215 17.13 -8.16 1.94
CA LEU B 215 16.51 -7.53 3.10
C LEU B 215 17.56 -6.94 4.05
N GLN B 216 18.63 -7.71 4.35
CA GLN B 216 19.67 -7.23 5.24
C GLN B 216 20.46 -6.10 4.60
N PHE B 217 20.72 -6.21 3.30
CA PHE B 217 21.41 -5.14 2.58
C PHE B 217 20.59 -3.84 2.58
N ALA B 218 19.29 -3.95 2.34
CA ALA B 218 18.42 -2.79 2.36
C ALA B 218 18.43 -2.12 3.75
N PHE B 219 18.32 -2.92 4.83
CA PHE B 219 18.39 -2.34 6.15
C PHE B 219 19.70 -1.56 6.35
N LEU B 220 20.83 -2.18 5.99
CA LEU B 220 22.13 -1.53 6.23
C LEU B 220 22.29 -0.26 5.41
N ASN B 221 21.76 -0.22 4.18
CA ASN B 221 21.84 1.01 3.42
CA ASN B 221 21.81 1.00 3.39
C ASN B 221 20.95 2.07 4.04
N ALA B 222 19.78 1.69 4.58
CA ALA B 222 18.95 2.66 5.28
C ALA B 222 19.68 3.21 6.51
N MET B 223 20.26 2.32 7.32
CA MET B 223 20.88 2.75 8.58
C MET B 223 22.17 3.54 8.35
N PHE B 224 23.06 3.06 7.48
CA PHE B 224 24.34 3.70 7.36
C PHE B 224 24.30 4.97 6.51
N PHE B 225 23.41 5.05 5.52
CA PHE B 225 23.39 6.23 4.64
C PHE B 225 22.12 7.06 4.75
N GLY B 226 21.15 6.65 5.54
CA GLY B 226 19.87 7.35 5.52
C GLY B 226 19.19 7.25 4.19
N ASN B 227 19.40 6.15 3.46
CA ASN B 227 18.88 6.00 2.11
C ASN B 227 17.40 5.64 2.20
N TYR B 228 16.54 6.57 1.76
CA TYR B 228 15.11 6.41 1.98
C TYR B 228 14.51 5.22 1.23
N GLY B 229 14.88 5.00 -0.05
CA GLY B 229 14.33 3.86 -0.79
C GLY B 229 14.78 2.51 -0.27
N SER B 230 15.97 2.47 0.32
CA SER B 230 16.39 1.27 1.03
C SER B 230 15.48 0.99 2.22
N SER B 231 15.12 2.01 3.00
CA SER B 231 14.19 1.79 4.10
C SER B 231 12.84 1.27 3.60
N LEU B 232 12.30 1.89 2.54
CA LEU B 232 11.06 1.36 1.93
C LEU B 232 11.19 -0.13 1.56
N GLN B 233 12.33 -0.53 0.97
CA GLN B 233 12.51 -1.91 0.52
C GLN B 233 12.57 -2.88 1.70
N TRP B 234 13.27 -2.49 2.77
CA TRP B 234 13.36 -3.34 3.96
C TRP B 234 11.99 -3.58 4.56
N HIS B 235 11.19 -2.50 4.72
CA HIS B 235 9.86 -2.68 5.26
C HIS B 235 8.97 -3.50 4.33
N ALA B 236 9.05 -3.28 3.01
CA ALA B 236 8.25 -4.08 2.07
C ALA B 236 8.56 -5.56 2.16
N MET B 237 9.84 -5.90 2.34
CA MET B 237 10.23 -7.30 2.40
C MET B 237 9.82 -7.97 3.73
N ILE B 238 9.76 -7.19 4.80
CA ILE B 238 9.22 -7.68 6.07
C ILE B 238 7.72 -7.88 5.94
N GLU B 239 7.04 -6.85 5.42
CA GLU B 239 5.60 -6.89 5.32
C GLU B 239 5.14 -8.04 4.44
N LEU B 240 5.87 -8.34 3.36
CA LEU B 240 5.43 -9.41 2.48
C LEU B 240 5.45 -10.76 3.20
N ILE B 241 6.47 -11.00 4.03
CA ILE B 241 6.50 -12.22 4.83
C ILE B 241 5.39 -12.22 5.86
N CYS B 242 5.22 -11.11 6.57
CA CYS B 242 4.31 -11.09 7.71
C CYS B 242 2.87 -11.19 7.25
N SER B 243 2.58 -10.66 6.07
CA SER B 243 1.28 -10.69 5.40
C SER B 243 0.97 -12.00 4.68
N SER B 244 1.81 -13.01 4.84
CA SER B 244 1.61 -14.31 4.21
C SER B 244 1.18 -15.32 5.26
N ALA B 245 0.07 -16.05 4.99
CA ALA B 245 -0.34 -17.10 5.91
C ALA B 245 0.57 -18.31 5.86
N THR B 246 1.24 -18.56 4.73
CA THR B 246 1.98 -19.80 4.50
C THR B 246 3.43 -19.39 4.25
N VAL B 247 4.24 -19.59 5.27
CA VAL B 247 5.65 -19.30 5.23
C VAL B 247 6.38 -20.49 5.82
N PRO B 248 7.37 -21.08 5.16
CA PRO B 248 8.14 -22.16 5.80
C PRO B 248 8.60 -21.76 7.20
N LYS B 249 8.58 -22.75 8.11
CA LYS B 249 8.77 -22.47 9.55
C LYS B 249 10.18 -21.96 9.83
N HIS B 250 11.17 -22.52 9.12
CA HIS B 250 12.54 -22.05 9.30
C HIS B 250 12.70 -20.62 8.84
N MET B 251 11.90 -20.18 7.85
CA MET B 251 11.98 -18.79 7.40
C MET B 251 11.53 -17.85 8.50
N LEU B 252 10.43 -18.21 9.19
CA LEU B 252 9.93 -17.36 10.28
C LEU B 252 10.92 -17.26 11.42
N ASP B 253 11.49 -18.41 11.81
CA ASP B 253 12.48 -18.42 12.89
C ASP B 253 13.69 -17.56 12.53
N LYS B 254 14.19 -17.70 11.30
CA LYS B 254 15.34 -16.89 10.91
C LYS B 254 14.98 -15.41 10.81
N LEU B 255 13.83 -15.07 10.25
CA LEU B 255 13.39 -13.67 10.21
C LEU B 255 13.43 -13.02 11.59
N ASP B 256 12.89 -13.72 12.60
CA ASP B 256 12.87 -13.18 13.95
C ASP B 256 14.28 -12.83 14.40
N GLU B 257 15.24 -13.72 14.14
CA GLU B 257 16.62 -13.45 14.51
C GLU B 257 17.19 -12.27 13.71
N ILE B 258 16.93 -12.22 12.41
CA ILE B 258 17.43 -11.14 11.58
C ILE B 258 16.92 -9.79 12.07
N LEU B 259 15.61 -9.70 12.30
CA LEU B 259 15.02 -8.43 12.74
C LEU B 259 15.50 -8.04 14.14
N TYR B 260 15.64 -9.01 15.04
CA TYR B 260 16.06 -8.71 16.39
C TYR B 260 17.39 -7.97 16.38
N TYR B 261 18.35 -8.41 15.56
CA TYR B 261 19.66 -7.78 15.56
C TYR B 261 19.64 -6.42 14.86
N GLN B 262 18.77 -6.27 13.88
CA GLN B 262 18.61 -4.98 13.22
C GLN B 262 18.04 -3.97 14.21
N ILE B 263 16.99 -4.35 14.96
CA ILE B 263 16.40 -3.42 15.93
C ILE B 263 17.40 -3.15 17.06
N LYS B 264 18.15 -4.18 17.45
CA LYS B 264 19.14 -3.98 18.51
C LYS B 264 20.22 -3.00 18.11
N THR B 265 20.62 -3.02 16.85
CA THR B 265 21.73 -2.20 16.37
C THR B 265 21.29 -0.78 15.99
N LEU B 266 20.02 -0.59 15.67
CA LEU B 266 19.55 0.74 15.23
C LEU B 266 19.86 1.81 16.27
N PRO B 267 20.46 2.93 15.89
CA PRO B 267 20.62 4.03 16.86
C PRO B 267 19.25 4.46 17.39
N GLU B 268 19.15 4.56 18.71
CA GLU B 268 17.87 4.89 19.35
C GLU B 268 17.35 6.22 18.84
N GLN B 269 18.27 7.15 18.57
CA GLN B 269 17.89 8.49 18.15
C GLN B 269 17.47 8.57 16.69
N TYR B 270 17.69 7.50 15.91
CA TYR B 270 17.23 7.47 14.53
C TYR B 270 15.91 6.71 14.38
N SER B 271 15.30 6.25 15.47
CA SER B 271 14.14 5.37 15.35
C SER B 271 12.94 6.11 14.76
N ASP B 272 12.76 7.38 15.11
CA ASP B 272 11.63 8.15 14.61
C ASP B 272 11.56 8.16 13.08
N ILE B 273 12.70 7.96 12.42
CA ILE B 273 12.75 8.06 10.97
C ILE B 273 13.03 6.71 10.29
N LEU B 274 13.70 5.77 10.97
CA LEU B 274 14.06 4.51 10.32
C LEU B 274 12.99 3.44 10.45
N LEU B 275 11.96 3.64 11.27
CA LEU B 275 10.97 2.61 11.54
C LEU B 275 9.61 3.14 11.10
N ASN B 276 8.89 2.34 10.33
CA ASN B 276 7.57 2.73 9.85
C ASN B 276 6.52 2.19 10.81
N GLU B 277 5.85 3.09 11.54
CA GLU B 277 4.85 2.71 12.53
C GLU B 277 3.82 1.73 11.96
N ARG B 278 3.26 2.05 10.79
CA ARG B 278 2.19 1.22 10.24
C ARG B 278 2.68 -0.19 9.97
N VAL B 279 3.84 -0.32 9.36
CA VAL B 279 4.30 -1.65 9.02
C VAL B 279 4.53 -2.47 10.28
N TRP B 280 5.19 -1.87 11.27
CA TRP B 280 5.60 -2.62 12.46
C TRP B 280 4.40 -3.00 13.31
N ASN B 281 3.47 -2.08 13.54
CA ASN B 281 2.27 -2.46 14.29
C ASN B 281 1.51 -3.55 13.56
N ILE B 282 1.41 -3.46 12.24
CA ILE B 282 0.75 -4.50 11.46
C ILE B 282 1.46 -5.84 11.62
N CYS B 283 2.80 -5.84 11.53
CA CYS B 283 3.53 -7.11 11.50
C CYS B 283 3.51 -7.80 12.87
N LEU B 284 3.61 -7.02 13.96
CA LEU B 284 3.68 -7.57 15.31
C LEU B 284 2.31 -7.90 15.91
N TYR B 285 1.27 -7.14 15.56
CA TYR B 285 0.02 -7.26 16.29
C TYR B 285 -1.18 -7.71 15.47
N SER B 286 -1.21 -7.46 14.15
CA SER B 286 -2.38 -7.81 13.34
C SER B 286 -2.12 -8.88 12.28
N SER B 287 -0.88 -9.13 11.88
CA SER B 287 -0.58 -9.93 10.70
C SER B 287 -0.73 -11.42 11.00
N PHE B 288 -0.66 -12.21 9.93
CA PHE B 288 -0.66 -13.67 10.08
C PHE B 288 0.44 -14.11 11.03
N GLN B 289 1.59 -13.45 10.97
CA GLN B 289 2.76 -13.88 11.73
C GLN B 289 2.94 -13.09 13.03
N LYS B 290 1.88 -12.45 13.54
CA LYS B 290 1.94 -11.64 14.75
C LYS B 290 2.46 -12.40 15.98
N ASN B 291 2.35 -13.73 16.00
CA ASN B 291 2.82 -14.54 17.11
C ASN B 291 4.12 -15.26 16.79
N SER B 292 4.73 -14.98 15.63
CA SER B 292 5.88 -15.76 15.18
C SER B 292 7.18 -14.99 15.32
N LEU B 293 7.14 -13.80 15.90
CA LEU B 293 8.34 -12.96 16.01
C LEU B 293 8.56 -12.59 17.47
N HIS B 294 8.69 -13.61 18.33
CA HIS B 294 8.74 -13.34 19.78
C HIS B 294 9.94 -12.48 20.15
N ASN B 295 11.13 -12.77 19.61
CA ASN B 295 12.31 -12.01 19.99
C ASN B 295 12.22 -10.57 19.51
N THR B 296 11.79 -10.37 18.26
CA THR B 296 11.66 -9.04 17.72
C THR B 296 10.58 -8.27 18.45
N GLU B 297 9.45 -8.92 18.75
CA GLU B 297 8.39 -8.24 19.51
C GLU B 297 8.90 -7.81 20.88
N LYS B 298 9.69 -8.66 21.54
CA LYS B 298 10.17 -8.34 22.88
C LYS B 298 11.15 -7.16 22.87
N ILE B 299 12.10 -7.12 21.92
CA ILE B 299 13.02 -5.97 21.88
C ILE B 299 12.28 -4.70 21.45
N MET B 300 11.38 -4.80 20.46
CA MET B 300 10.63 -3.61 20.04
C MET B 300 9.79 -3.02 21.19
N GLU B 301 9.10 -3.88 21.94
CA GLU B 301 8.31 -3.43 23.08
C GLU B 301 9.20 -2.84 24.18
N ASN B 302 10.38 -3.40 24.42
CA ASN B 302 11.20 -2.92 25.54
C ASN B 302 12.07 -1.75 25.16
N LYS B 303 12.33 -1.57 23.87
CA LYS B 303 13.22 -0.52 23.36
C LYS B 303 12.49 0.63 22.70
N TYR B 304 11.40 0.36 21.97
CA TYR B 304 10.65 1.41 21.26
C TYR B 304 9.15 1.25 21.49
N PRO B 305 8.69 1.29 22.75
CA PRO B 305 7.25 1.15 23.00
C PRO B 305 6.44 2.35 22.54
N GLU B 306 7.09 3.47 22.24
CA GLU B 306 6.37 4.65 21.73
C GLU B 306 5.85 4.40 20.32
N LEU B 307 6.70 3.84 19.45
CA LEU B 307 6.26 3.52 18.09
C LEU B 307 5.01 2.65 18.09
N LEU B 308 4.74 1.95 19.18
CA LEU B 308 3.60 1.04 19.25
C LEU B 308 2.66 1.49 20.37
C7 VP3 C . -31.97 3.94 -21.74
C8 VP3 C . -33.04 4.91 -22.12
C9 VP3 C . -32.75 6.33 -21.57
O1 VP3 C . -33.71 7.00 -21.24
C1 VP3 C . -29.33 1.02 -20.22
C5 VP3 C . -30.94 2.69 -19.79
C6 VP3 C . -31.91 3.70 -20.30
C4 VP3 C . -30.86 2.41 -18.42
C3 VP3 C . -30.04 1.43 -17.95
C2 VP3 C . -29.29 0.74 -18.86
F VP3 C . -28.50 -0.20 -18.45
C VP3 C . -30.15 1.99 -20.68
O VP3 C . -32.61 4.28 -19.56
O2 VP3 C . -31.60 6.73 -21.51
#